data_8BIY
#
_entry.id   8BIY
#
_cell.length_a   60.137
_cell.length_b   120.053
_cell.length_c   152.137
_cell.angle_alpha   90.000
_cell.angle_beta   90.000
_cell.angle_gamma   90.000
#
_symmetry.space_group_name_H-M   'C 2 2 21'
#
loop_
_entity.id
_entity.type
_entity.pdbx_description
1 polymer 'Histidine kinase'
2 non-polymer '3-CYCLOHEXYL-1-PROPYLSULFONIC ACID'
3 non-polymer GLYCEROL
4 non-polymer 'SULFATE ION'
5 water water
#
_entity_poly.entity_id   1
_entity_poly.type   'polypeptide(L)'
_entity_poly.pdbx_seq_one_letter_code
;GSTLKEQIGMRALNVAETVASTSLVREAFRDSNPSVRLQPFAERIRQKTGAEYVVIGNRQGIAYAHPLTERIGKSMIGGD
NKEVLKGKSIISEAVGSLGPAIRGKAPIFDENGSVIGIVSVGFLLEDIQRT
;
_entity_poly.pdbx_strand_id   A,B,C,D
#
# COMPACT_ATOMS: atom_id res chain seq x y z
N THR A 3 -18.99 15.86 14.28
CA THR A 3 -19.50 14.51 14.55
C THR A 3 -18.39 13.47 14.50
N LEU A 4 -18.50 12.44 15.37
CA LEU A 4 -17.46 11.42 15.45
C LEU A 4 -17.35 10.65 14.14
N LYS A 5 -18.48 10.38 13.48
CA LYS A 5 -18.43 9.72 12.19
C LYS A 5 -17.71 10.57 11.15
N GLU A 6 -17.96 11.88 11.16
CA GLU A 6 -17.29 12.75 10.19
C GLU A 6 -15.79 12.81 10.44
N GLN A 7 -15.38 12.72 11.70
CA GLN A 7 -13.95 12.73 12.01
C GLN A 7 -13.29 11.41 11.62
N ILE A 8 -14.00 10.29 11.80
CA ILE A 8 -13.45 9.02 11.33
C ILE A 8 -13.28 9.03 9.82
N GLY A 9 -14.23 9.67 9.12
CA GLY A 9 -14.09 9.83 7.68
C GLY A 9 -12.91 10.70 7.29
N MET A 10 -12.64 11.74 8.08
CA MET A 10 -11.45 12.56 7.83
C MET A 10 -10.18 11.77 8.12
N ARG A 11 -10.23 10.91 9.13
CA ARG A 11 -9.11 10.01 9.43
C ARG A 11 -8.81 9.12 8.22
N ALA A 12 -9.85 8.49 7.69
CA ALA A 12 -9.69 7.66 6.50
C ALA A 12 -9.13 8.45 5.33
N LEU A 13 -9.70 9.64 5.07
CA LEU A 13 -9.27 10.43 3.94
C LEU A 13 -7.84 10.93 4.15
N ASN A 14 -7.49 11.36 5.37
CA ASN A 14 -6.12 11.81 5.61
C ASN A 14 -5.11 10.71 5.35
N VAL A 15 -5.42 9.47 5.75
CA VAL A 15 -4.49 8.38 5.45
C VAL A 15 -4.42 8.14 3.95
N ALA A 16 -5.57 8.13 3.28
CA ALA A 16 -5.57 7.90 1.83
C ALA A 16 -4.78 8.98 1.09
N GLU A 17 -4.96 10.25 1.48
N GLU A 17 -4.97 10.25 1.48
CA GLU A 17 -4.23 11.35 0.86
CA GLU A 17 -4.24 11.36 0.88
C GLU A 17 -2.73 11.23 1.11
C GLU A 17 -2.74 11.25 1.12
N THR A 18 -2.34 10.82 2.32
CA THR A 18 -0.92 10.71 2.61
C THR A 18 -0.28 9.56 1.82
N VAL A 19 -0.95 8.41 1.77
CA VAL A 19 -0.49 7.30 0.94
C VAL A 19 -0.39 7.73 -0.53
N ALA A 20 -1.41 8.44 -1.03
CA ALA A 20 -1.44 8.80 -2.45
C ALA A 20 -0.34 9.79 -2.81
N SER A 21 0.18 10.52 -1.82
CA SER A 21 1.25 11.51 -2.03
C SER A 21 2.65 10.93 -1.90
N THR A 22 2.80 9.69 -1.45
CA THR A 22 4.14 9.14 -1.30
C THR A 22 4.77 8.87 -2.64
N SER A 23 6.09 9.10 -2.73
N SER A 23 6.08 9.10 -2.74
CA SER A 23 6.82 8.82 -3.96
CA SER A 23 6.79 8.82 -3.98
C SER A 23 6.69 7.35 -4.35
C SER A 23 6.70 7.34 -4.36
N LEU A 24 6.76 6.45 -3.38
CA LEU A 24 6.68 5.02 -3.69
C LEU A 24 5.39 4.70 -4.43
N VAL A 25 4.27 5.23 -3.94
CA VAL A 25 2.99 4.85 -4.55
C VAL A 25 2.87 5.43 -5.96
N ARG A 26 3.29 6.68 -6.15
CA ARG A 26 3.25 7.27 -7.48
C ARG A 26 4.19 6.55 -8.45
N GLU A 27 5.39 6.18 -7.99
CA GLU A 27 6.37 5.50 -8.84
C GLU A 27 5.93 4.09 -9.21
N ALA A 28 5.32 3.37 -8.26
CA ALA A 28 5.00 1.96 -8.48
C ALA A 28 4.08 1.75 -9.67
N PHE A 29 3.27 2.74 -10.02
CA PHE A 29 2.37 2.56 -11.13
C PHE A 29 3.09 2.41 -12.47
N ARG A 30 4.37 2.74 -12.53
N ARG A 30 4.37 2.75 -12.52
CA ARG A 30 5.18 2.57 -13.73
CA ARG A 30 5.18 2.57 -13.73
C ARG A 30 5.78 1.18 -13.81
C ARG A 30 5.79 1.18 -13.81
N ASP A 31 5.71 0.40 -12.73
CA ASP A 31 6.32 -0.92 -12.68
C ASP A 31 5.52 -1.90 -13.53
N SER A 32 6.23 -2.95 -13.98
CA SER A 32 5.58 -4.07 -14.66
C SER A 32 4.53 -4.72 -13.76
N ASN A 33 4.86 -4.93 -12.49
CA ASN A 33 3.89 -5.43 -11.52
C ASN A 33 3.86 -4.48 -10.33
N PRO A 34 3.00 -3.47 -10.36
CA PRO A 34 2.92 -2.52 -9.24
C PRO A 34 2.66 -3.14 -7.89
N SER A 35 2.00 -4.29 -7.81
CA SER A 35 1.71 -4.89 -6.51
C SER A 35 2.96 -5.19 -5.70
N VAL A 36 4.06 -5.53 -6.37
CA VAL A 36 5.27 -5.93 -5.64
C VAL A 36 5.69 -4.86 -4.65
N ARG A 37 5.67 -3.59 -5.09
CA ARG A 37 5.97 -2.49 -4.18
C ARG A 37 4.74 -1.96 -3.43
N LEU A 38 3.57 -1.99 -4.05
CA LEU A 38 2.40 -1.39 -3.39
C LEU A 38 1.88 -2.22 -2.22
N GLN A 39 1.84 -3.54 -2.37
CA GLN A 39 1.20 -4.36 -1.34
C GLN A 39 1.91 -4.27 0.01
N PRO A 40 3.24 -4.40 0.10
CA PRO A 40 3.87 -4.29 1.43
C PRO A 40 3.67 -2.92 2.06
N PHE A 41 3.71 -1.85 1.27
CA PHE A 41 3.51 -0.51 1.81
C PHE A 41 2.08 -0.35 2.31
N ALA A 42 1.11 -0.70 1.47
CA ALA A 42 -0.27 -0.62 1.91
C ALA A 42 -0.50 -1.42 3.19
N GLU A 43 0.07 -2.63 3.26
CA GLU A 43 -0.16 -3.44 4.45
C GLU A 43 0.47 -2.80 5.68
N ARG A 44 1.68 -2.25 5.54
N ARG A 44 1.67 -2.26 5.53
CA ARG A 44 2.30 -1.62 6.69
CA ARG A 44 2.35 -1.59 6.63
C ARG A 44 1.47 -0.44 7.19
C ARG A 44 1.50 -0.44 7.17
N ILE A 45 0.96 0.38 6.27
CA ILE A 45 0.14 1.51 6.68
C ILE A 45 -1.17 1.01 7.31
N ARG A 46 -1.78 -0.01 6.72
CA ARG A 46 -2.99 -0.57 7.29
C ARG A 46 -2.76 -1.02 8.73
N GLN A 47 -1.67 -1.77 8.97
CA GLN A 47 -1.36 -2.23 10.32
C GLN A 47 -1.13 -1.07 11.26
N LYS A 48 -0.31 -0.10 10.85
CA LYS A 48 0.06 0.97 11.77
C LYS A 48 -1.12 1.86 12.12
N THR A 49 -2.06 2.08 11.19
CA THR A 49 -3.15 3.02 11.41
C THR A 49 -4.40 2.39 12.02
N GLY A 50 -4.50 1.06 12.04
CA GLY A 50 -5.71 0.42 12.51
C GLY A 50 -6.80 0.30 11.48
N ALA A 51 -6.52 0.62 10.23
CA ALA A 51 -7.55 0.55 9.19
C ALA A 51 -7.96 -0.91 8.92
N GLU A 52 -9.21 -1.08 8.48
CA GLU A 52 -9.63 -2.37 7.94
C GLU A 52 -8.91 -2.67 6.62
N TYR A 53 -8.71 -1.65 5.79
CA TYR A 53 -8.12 -1.87 4.48
C TYR A 53 -7.49 -0.58 3.97
N VAL A 54 -6.36 -0.72 3.28
CA VAL A 54 -5.75 0.31 2.45
C VAL A 54 -5.67 -0.27 1.05
N VAL A 55 -6.64 0.03 0.19
CA VAL A 55 -6.70 -0.54 -1.14
C VAL A 55 -6.15 0.48 -2.12
N ILE A 56 -5.26 0.04 -2.99
CA ILE A 56 -4.69 0.91 -4.01
C ILE A 56 -5.00 0.29 -5.35
N GLY A 57 -5.61 1.07 -6.25
CA GLY A 57 -6.10 0.54 -7.50
C GLY A 57 -5.75 1.43 -8.68
N ASN A 58 -5.93 0.88 -9.88
CA ASN A 58 -5.66 1.61 -11.10
C ASN A 58 -6.88 2.43 -11.52
N ARG A 59 -6.80 3.06 -12.70
CA ARG A 59 -7.86 3.94 -13.16
C ARG A 59 -9.17 3.20 -13.36
N GLN A 60 -9.10 1.92 -13.71
CA GLN A 60 -10.30 1.11 -13.84
C GLN A 60 -10.74 0.52 -12.50
N GLY A 61 -10.01 0.81 -11.43
CA GLY A 61 -10.39 0.36 -10.11
C GLY A 61 -9.87 -1.01 -9.73
N ILE A 62 -9.08 -1.66 -10.57
CA ILE A 62 -8.52 -2.97 -10.23
C ILE A 62 -7.59 -2.78 -9.04
N ALA A 63 -7.75 -3.60 -8.01
CA ALA A 63 -6.91 -3.50 -6.82
C ALA A 63 -5.50 -4.04 -7.07
N TYR A 64 -4.49 -3.20 -6.84
N TYR A 64 -4.48 -3.17 -6.89
CA TYR A 64 -3.10 -3.61 -6.85
CA TYR A 64 -3.08 -3.59 -6.83
C TYR A 64 -2.58 -3.90 -5.45
C TYR A 64 -2.66 -4.02 -5.44
N ALA A 65 -3.30 -3.48 -4.41
CA ALA A 65 -2.98 -3.79 -3.02
C ALA A 65 -4.30 -3.94 -2.30
N HIS A 66 -4.37 -4.91 -1.37
CA HIS A 66 -5.61 -5.32 -0.74
C HIS A 66 -5.22 -6.11 0.51
N PRO A 67 -6.01 -6.05 1.59
CA PRO A 67 -5.60 -6.79 2.79
C PRO A 67 -5.63 -8.31 2.61
N LEU A 68 -6.36 -8.83 1.61
CA LEU A 68 -6.32 -10.24 1.28
C LEU A 68 -5.54 -10.34 -0.02
N THR A 69 -4.35 -10.95 0.04
CA THR A 69 -3.50 -10.91 -1.15
C THR A 69 -4.12 -11.68 -2.31
N GLU A 70 -4.93 -12.70 -2.03
CA GLU A 70 -5.63 -13.41 -3.09
C GLU A 70 -6.68 -12.56 -3.81
N ARG A 71 -7.00 -11.37 -3.30
N ARG A 71 -7.01 -11.37 -3.30
CA ARG A 71 -7.96 -10.49 -3.95
CA ARG A 71 -7.97 -10.50 -3.97
C ARG A 71 -7.28 -9.49 -4.88
C ARG A 71 -7.29 -9.47 -4.87
N ILE A 72 -5.96 -9.40 -4.84
CA ILE A 72 -5.26 -8.50 -5.76
C ILE A 72 -5.61 -8.92 -7.19
N GLY A 73 -6.01 -7.96 -8.01
CA GLY A 73 -6.40 -8.23 -9.40
C GLY A 73 -7.85 -8.66 -9.61
N LYS A 74 -8.38 -9.42 -8.66
CA LYS A 74 -9.77 -9.85 -8.76
C LYS A 74 -10.71 -8.80 -8.23
N SER A 75 -10.33 -8.11 -7.17
N SER A 75 -10.32 -8.13 -7.16
CA SER A 75 -11.27 -7.19 -6.57
CA SER A 75 -11.15 -7.14 -6.49
C SER A 75 -11.11 -5.79 -7.15
C SER A 75 -11.10 -5.80 -7.23
N MET A 76 -12.24 -5.10 -7.22
CA MET A 76 -12.31 -3.73 -7.69
C MET A 76 -12.58 -2.83 -6.49
N ILE A 77 -12.09 -1.60 -6.57
CA ILE A 77 -12.41 -0.64 -5.51
C ILE A 77 -13.91 -0.37 -5.52
N GLY A 78 -14.57 -0.70 -4.42
CA GLY A 78 -16.01 -0.59 -4.35
C GLY A 78 -16.47 0.85 -4.19
N GLY A 79 -17.69 1.10 -4.62
CA GLY A 79 -18.27 2.43 -4.58
C GLY A 79 -17.89 3.27 -5.79
N ASP A 80 -18.67 4.33 -5.99
CA ASP A 80 -18.44 5.26 -7.10
C ASP A 80 -17.02 5.82 -7.07
N ASN A 81 -16.28 5.61 -8.17
CA ASN A 81 -14.94 6.19 -8.34
C ASN A 81 -14.89 7.33 -9.34
N LYS A 82 -16.02 7.71 -9.94
CA LYS A 82 -15.99 8.70 -11.03
C LYS A 82 -15.45 10.05 -10.55
N GLU A 83 -15.78 10.45 -9.32
CA GLU A 83 -15.29 11.73 -8.83
C GLU A 83 -13.78 11.68 -8.55
N VAL A 84 -13.28 10.53 -8.10
CA VAL A 84 -11.84 10.44 -7.84
C VAL A 84 -11.06 10.57 -9.15
N LEU A 85 -11.58 9.99 -10.23
CA LEU A 85 -10.88 10.10 -11.51
C LEU A 85 -10.90 11.53 -12.05
N LYS A 86 -11.81 12.35 -11.54
CA LYS A 86 -11.83 13.79 -11.80
C LYS A 86 -10.89 14.56 -10.88
N GLY A 87 -10.13 13.86 -10.05
CA GLY A 87 -9.17 14.50 -9.17
C GLY A 87 -9.70 14.89 -7.81
N LYS A 88 -10.92 14.49 -7.46
CA LYS A 88 -11.53 14.84 -6.20
C LYS A 88 -11.33 13.74 -5.16
N SER A 89 -11.33 14.13 -3.89
CA SER A 89 -11.29 13.20 -2.76
C SER A 89 -12.69 13.05 -2.20
N ILE A 90 -13.08 11.82 -1.85
CA ILE A 90 -14.47 11.49 -1.51
C ILE A 90 -14.54 10.62 -0.26
N ILE A 91 -15.44 10.97 0.66
CA ILE A 91 -15.72 10.16 1.84
C ILE A 91 -17.09 9.51 1.66
N SER A 92 -17.20 8.23 2.06
CA SER A 92 -18.45 7.50 1.92
C SER A 92 -18.54 6.42 2.99
N GLU A 93 -19.77 5.95 3.23
CA GLU A 93 -19.98 4.83 4.12
C GLU A 93 -20.25 3.58 3.30
N ALA A 94 -19.87 2.44 3.86
CA ALA A 94 -20.10 1.16 3.20
C ALA A 94 -20.24 0.09 4.27
N VAL A 95 -20.57 -1.11 3.84
CA VAL A 95 -20.71 -2.26 4.72
C VAL A 95 -19.92 -3.41 4.12
N GLY A 96 -19.39 -4.27 4.98
CA GLY A 96 -18.75 -5.48 4.55
C GLY A 96 -18.99 -6.61 5.53
N SER A 97 -18.32 -7.75 5.33
CA SER A 97 -18.46 -8.88 6.24
C SER A 97 -18.21 -8.51 7.69
N LEU A 98 -17.35 -7.54 7.95
CA LEU A 98 -16.94 -7.21 9.31
C LEU A 98 -17.77 -6.08 9.91
N GLY A 99 -18.74 -5.56 9.16
CA GLY A 99 -19.63 -4.53 9.66
C GLY A 99 -19.57 -3.24 8.89
N PRO A 100 -20.26 -2.21 9.40
CA PRO A 100 -20.23 -0.91 8.75
C PRO A 100 -18.85 -0.28 8.84
N ALA A 101 -18.48 0.43 7.78
CA ALA A 101 -17.21 1.11 7.73
C ALA A 101 -17.44 2.49 7.13
N ILE A 102 -16.48 3.38 7.37
N ILE A 102 -16.47 3.37 7.37
CA ILE A 102 -16.40 4.63 6.64
CA ILE A 102 -16.37 4.64 6.67
C ILE A 102 -15.05 4.64 5.92
C ILE A 102 -15.04 4.65 5.93
N ARG A 103 -15.06 5.14 4.70
CA ARG A 103 -13.86 5.13 3.87
C ARG A 103 -13.62 6.49 3.25
N GLY A 104 -12.36 6.75 2.92
CA GLY A 104 -11.98 7.92 2.17
C GLY A 104 -11.18 7.52 0.97
N LYS A 105 -11.43 8.18 -0.15
CA LYS A 105 -10.74 7.89 -1.40
C LYS A 105 -9.99 9.11 -1.88
N ALA A 106 -8.74 8.92 -2.29
CA ALA A 106 -7.95 10.02 -2.80
C ALA A 106 -7.33 9.62 -4.14
N PRO A 107 -7.22 10.55 -5.07
CA PRO A 107 -6.56 10.25 -6.35
C PRO A 107 -5.05 10.20 -6.18
N ILE A 108 -4.43 9.37 -7.01
CA ILE A 108 -2.98 9.33 -7.15
C ILE A 108 -2.64 10.08 -8.44
N PHE A 109 -1.70 11.01 -8.36
CA PHE A 109 -1.34 11.82 -9.52
C PHE A 109 0.06 11.48 -10.03
N ASP A 110 0.25 11.53 -11.35
CA ASP A 110 1.61 11.41 -11.87
C ASP A 110 2.24 12.81 -11.89
N GLU A 111 3.46 12.90 -12.41
CA GLU A 111 4.20 14.16 -12.38
C GLU A 111 3.53 15.25 -13.22
N ASN A 112 2.67 14.89 -14.17
CA ASN A 112 1.96 15.87 -14.98
C ASN A 112 0.58 16.23 -14.46
N GLY A 113 0.20 15.70 -13.29
CA GLY A 113 -1.11 16.04 -12.76
C GLY A 113 -2.25 15.19 -13.26
N SER A 114 -1.97 14.15 -14.04
CA SER A 114 -3.00 13.20 -14.45
C SER A 114 -3.24 12.18 -13.34
N VAL A 115 -4.49 11.75 -13.21
CA VAL A 115 -4.84 10.71 -12.24
C VAL A 115 -4.42 9.36 -12.78
N ILE A 116 -3.63 8.63 -12.01
CA ILE A 116 -3.16 7.32 -12.41
C ILE A 116 -3.76 6.22 -11.55
N GLY A 117 -4.43 6.56 -10.46
CA GLY A 117 -4.97 5.52 -9.59
C GLY A 117 -5.73 6.12 -8.43
N ILE A 118 -6.16 5.22 -7.54
CA ILE A 118 -7.04 5.52 -6.42
C ILE A 118 -6.51 4.84 -5.17
N VAL A 119 -6.53 5.55 -4.04
CA VAL A 119 -6.30 4.95 -2.73
C VAL A 119 -7.61 5.04 -1.97
N SER A 120 -8.07 3.89 -1.46
CA SER A 120 -9.28 3.84 -0.65
C SER A 120 -8.93 3.24 0.72
N VAL A 121 -9.18 3.99 1.79
CA VAL A 121 -8.85 3.58 3.15
C VAL A 121 -10.15 3.46 3.91
N GLY A 122 -10.35 2.32 4.56
CA GLY A 122 -11.59 2.09 5.29
C GLY A 122 -11.35 1.78 6.75
N PHE A 123 -12.16 2.38 7.64
CA PHE A 123 -12.14 2.07 9.07
C PHE A 123 -13.47 1.50 9.48
N LEU A 124 -13.44 0.43 10.26
CA LEU A 124 -14.66 -0.11 10.83
C LEU A 124 -15.21 0.84 11.88
N LEU A 125 -16.53 1.03 11.84
CA LEU A 125 -17.20 1.81 12.88
C LEU A 125 -17.32 0.93 14.11
N GLU A 126 -16.41 1.07 15.07
CA GLU A 126 -16.39 0.19 16.24
C GLU A 126 -15.86 0.88 17.51
C GLY B 1 -4.31 22.65 -18.74
N SER B 2 -4.68 22.25 -19.96
CA SER B 2 -3.95 21.28 -20.74
C SER B 2 -3.80 21.81 -22.17
N THR B 3 -2.63 21.58 -22.78
CA THR B 3 -2.47 21.91 -24.19
C THR B 3 -3.39 21.06 -25.05
N LEU B 4 -3.54 21.46 -26.31
CA LEU B 4 -4.45 20.73 -27.20
C LEU B 4 -4.03 19.27 -27.32
N LYS B 5 -2.74 19.01 -27.51
CA LYS B 5 -2.27 17.63 -27.60
C LYS B 5 -2.56 16.86 -26.32
N GLU B 6 -2.42 17.50 -25.17
CA GLU B 6 -2.71 16.84 -23.89
C GLU B 6 -4.20 16.55 -23.77
N GLN B 7 -5.02 17.50 -24.17
CA GLN B 7 -6.47 17.31 -24.08
C GLN B 7 -6.91 16.15 -24.97
N ILE B 8 -6.36 16.07 -26.18
CA ILE B 8 -6.76 15.01 -27.10
C ILE B 8 -6.19 13.67 -26.64
N GLY B 9 -4.98 13.67 -26.06
CA GLY B 9 -4.46 12.44 -25.50
C GLY B 9 -5.37 11.89 -24.41
N MET B 10 -5.83 12.76 -23.52
CA MET B 10 -6.70 12.29 -22.45
C MET B 10 -8.06 11.90 -23.00
N ARG B 11 -8.55 12.60 -24.03
CA ARG B 11 -9.77 12.17 -24.69
C ARG B 11 -9.63 10.76 -25.25
N ALA B 12 -8.53 10.48 -25.95
CA ALA B 12 -8.34 9.15 -26.54
C ALA B 12 -8.31 8.09 -25.45
N LEU B 13 -7.56 8.34 -24.37
CA LEU B 13 -7.54 7.40 -23.26
C LEU B 13 -8.91 7.21 -22.63
N ASN B 14 -9.65 8.31 -22.43
CA ASN B 14 -10.98 8.19 -21.84
C ASN B 14 -11.90 7.34 -22.71
N VAL B 15 -11.84 7.52 -24.03
CA VAL B 15 -12.65 6.69 -24.91
C VAL B 15 -12.19 5.24 -24.83
N ALA B 16 -10.87 5.03 -24.85
CA ALA B 16 -10.36 3.67 -24.77
C ALA B 16 -10.81 2.98 -23.50
N GLU B 17 -10.79 3.70 -22.37
CA GLU B 17 -11.19 3.10 -21.10
C GLU B 17 -12.68 2.88 -21.04
N THR B 18 -13.46 3.80 -21.62
CA THR B 18 -14.91 3.60 -21.68
C THR B 18 -15.24 2.32 -22.43
N VAL B 19 -14.57 2.09 -23.56
CA VAL B 19 -14.79 0.88 -24.33
C VAL B 19 -14.35 -0.35 -23.54
N ALA B 20 -13.14 -0.28 -22.95
CA ALA B 20 -12.56 -1.43 -22.25
C ALA B 20 -13.41 -1.85 -21.07
N SER B 21 -14.13 -0.93 -20.45
N SER B 21 -14.14 -0.91 -20.46
CA SER B 21 -14.92 -1.22 -19.26
CA SER B 21 -14.93 -1.17 -19.27
C SER B 21 -16.39 -1.47 -19.57
C SER B 21 -16.37 -1.54 -19.58
N THR B 22 -16.78 -1.48 -20.84
CA THR B 22 -18.16 -1.77 -21.23
C THR B 22 -18.40 -3.28 -21.16
N SER B 23 -19.53 -3.68 -20.56
N SER B 23 -19.54 -3.69 -20.58
CA SER B 23 -19.82 -5.10 -20.36
CA SER B 23 -19.78 -5.11 -20.35
C SER B 23 -19.77 -5.87 -21.66
C SER B 23 -19.77 -5.89 -21.68
N LEU B 24 -20.38 -5.33 -22.72
CA LEU B 24 -20.39 -5.97 -24.03
C LEU B 24 -18.99 -6.36 -24.49
N VAL B 25 -18.00 -5.50 -24.19
CA VAL B 25 -16.67 -5.74 -24.73
C VAL B 25 -16.02 -6.93 -24.03
N ARG B 26 -16.07 -6.97 -22.69
CA ARG B 26 -15.56 -8.12 -21.97
C ARG B 26 -16.32 -9.39 -22.34
N GLU B 27 -17.64 -9.29 -22.44
CA GLU B 27 -18.46 -10.46 -22.77
C GLU B 27 -18.10 -11.02 -24.14
N ALA B 28 -17.86 -10.14 -25.12
CA ALA B 28 -17.63 -10.63 -26.48
C ALA B 28 -16.40 -11.50 -26.57
N PHE B 29 -15.40 -11.31 -25.69
CA PHE B 29 -14.23 -12.15 -25.75
C PHE B 29 -14.53 -13.61 -25.42
N ARG B 30 -15.70 -13.91 -24.86
CA ARG B 30 -16.11 -15.29 -24.63
C ARG B 30 -16.78 -15.91 -25.85
N ASP B 31 -17.15 -15.11 -26.84
CA ASP B 31 -17.86 -15.58 -28.02
C ASP B 31 -16.91 -16.31 -28.97
N SER B 32 -17.46 -17.22 -29.77
CA SER B 32 -16.64 -17.92 -30.74
C SER B 32 -16.11 -16.97 -31.81
N ASN B 33 -16.84 -15.90 -32.12
CA ASN B 33 -16.40 -14.87 -33.07
C ASN B 33 -16.66 -13.52 -32.42
N PRO B 34 -15.72 -13.04 -31.58
CA PRO B 34 -15.95 -11.77 -30.88
C PRO B 34 -16.22 -10.58 -31.80
N SER B 35 -15.68 -10.59 -33.03
N SER B 35 -15.70 -10.60 -33.03
CA SER B 35 -15.83 -9.42 -33.90
CA SER B 35 -15.83 -9.44 -33.91
C SER B 35 -17.28 -9.12 -34.25
C SER B 35 -17.28 -9.13 -34.26
N VAL B 36 -18.16 -10.13 -34.23
CA VAL B 36 -19.56 -9.88 -34.59
C VAL B 36 -20.18 -8.82 -33.68
N ARG B 37 -19.87 -8.87 -32.38
CA ARG B 37 -20.35 -7.84 -31.46
C ARG B 37 -19.38 -6.66 -31.32
N LEU B 38 -18.08 -6.91 -31.43
CA LEU B 38 -17.13 -5.84 -31.15
C LEU B 38 -17.06 -4.82 -32.28
N GLN B 39 -17.12 -5.27 -33.53
CA GLN B 39 -16.96 -4.33 -34.64
C GLN B 39 -18.06 -3.29 -34.70
N PRO B 40 -19.36 -3.63 -34.63
CA PRO B 40 -20.36 -2.56 -34.65
C PRO B 40 -20.24 -1.62 -33.47
N PHE B 41 -19.86 -2.14 -32.29
CA PHE B 41 -19.71 -1.27 -31.12
C PHE B 41 -18.56 -0.29 -31.32
N ALA B 42 -17.42 -0.79 -31.79
CA ALA B 42 -16.28 0.10 -32.05
C ALA B 42 -16.61 1.15 -33.10
N GLU B 43 -17.40 0.79 -34.11
N GLU B 43 -17.38 0.79 -34.11
CA GLU B 43 -17.80 1.75 -35.14
CA GLU B 43 -17.80 1.75 -35.13
C GLU B 43 -18.67 2.84 -34.54
C GLU B 43 -18.69 2.83 -34.54
N ARG B 44 -19.61 2.42 -33.71
N ARG B 44 -19.67 2.46 -33.75
CA ARG B 44 -20.55 3.37 -33.11
CA ARG B 44 -20.56 3.44 -33.13
C ARG B 44 -19.83 4.35 -32.18
C ARG B 44 -19.78 4.37 -32.21
N ILE B 45 -18.90 3.82 -31.37
CA ILE B 45 -18.15 4.67 -30.45
C ILE B 45 -17.22 5.60 -31.21
N ARG B 46 -16.55 5.10 -32.26
CA ARG B 46 -15.71 5.98 -33.07
C ARG B 46 -16.51 7.15 -33.61
N GLN B 47 -17.67 6.86 -34.19
CA GLN B 47 -18.48 7.91 -34.79
C GLN B 47 -19.00 8.89 -33.73
N LYS B 48 -19.38 8.37 -32.56
CA LYS B 48 -19.92 9.20 -31.49
C LYS B 48 -18.87 10.17 -30.96
N THR B 49 -17.61 9.73 -30.91
CA THR B 49 -16.54 10.49 -30.26
C THR B 49 -15.67 11.27 -31.24
N GLY B 50 -15.83 11.07 -32.55
CA GLY B 50 -15.00 11.78 -33.51
C GLY B 50 -13.60 11.24 -33.68
N ALA B 51 -13.33 10.03 -33.19
CA ALA B 51 -12.00 9.45 -33.30
C ALA B 51 -11.68 9.04 -34.73
N GLU B 52 -10.38 8.95 -35.02
CA GLU B 52 -9.93 8.38 -36.29
C GLU B 52 -10.08 6.86 -36.33
N TYR B 53 -9.98 6.19 -35.19
CA TYR B 53 -10.24 4.76 -35.15
C TYR B 53 -10.53 4.36 -33.71
N VAL B 54 -11.34 3.32 -33.55
CA VAL B 54 -11.44 2.53 -32.34
C VAL B 54 -11.12 1.10 -32.72
N VAL B 55 -9.99 0.60 -32.25
CA VAL B 55 -9.51 -0.73 -32.61
C VAL B 55 -9.48 -1.56 -31.33
N ILE B 56 -9.88 -2.82 -31.46
CA ILE B 56 -9.87 -3.73 -30.31
C ILE B 56 -9.12 -4.99 -30.69
N GLY B 57 -8.17 -5.40 -29.86
CA GLY B 57 -7.35 -6.55 -30.15
C GLY B 57 -7.37 -7.53 -29.00
N ASN B 58 -7.00 -8.76 -29.32
CA ASN B 58 -6.88 -9.79 -28.29
C ASN B 58 -5.48 -9.77 -27.66
N ARG B 59 -5.20 -10.77 -26.82
CA ARG B 59 -3.97 -10.78 -26.05
C ARG B 59 -2.74 -10.89 -26.95
N GLN B 60 -2.88 -11.56 -28.09
CA GLN B 60 -1.81 -11.63 -29.07
C GLN B 60 -1.69 -10.37 -29.90
N GLY B 61 -2.61 -9.43 -29.76
CA GLY B 61 -2.60 -8.23 -30.56
C GLY B 61 -3.43 -8.29 -31.83
N ILE B 62 -4.11 -9.41 -32.10
CA ILE B 62 -4.89 -9.55 -33.32
C ILE B 62 -6.16 -8.71 -33.24
N ALA B 63 -6.47 -8.00 -34.33
CA ALA B 63 -7.62 -7.10 -34.38
C ALA B 63 -8.92 -7.90 -34.45
N TYR B 64 -9.82 -7.63 -33.49
CA TYR B 64 -11.21 -8.06 -33.52
C TYR B 64 -12.14 -6.94 -33.99
N ALA B 65 -11.67 -5.69 -33.96
CA ALA B 65 -12.47 -4.56 -34.41
C ALA B 65 -11.49 -3.56 -35.02
N HIS B 66 -11.85 -3.03 -36.18
CA HIS B 66 -10.97 -2.14 -36.93
C HIS B 66 -11.82 -1.44 -37.98
N PRO B 67 -11.65 -0.13 -38.23
CA PRO B 67 -12.46 0.52 -39.28
C PRO B 67 -12.28 -0.12 -40.64
N LEU B 68 -11.12 -0.74 -40.88
CA LEU B 68 -10.85 -1.46 -42.13
C LEU B 68 -11.19 -2.92 -41.89
N THR B 69 -12.35 -3.36 -42.36
CA THR B 69 -12.81 -4.69 -41.96
C THR B 69 -11.89 -5.79 -42.45
N GLU B 70 -11.12 -5.55 -43.53
CA GLU B 70 -10.19 -6.57 -44.00
C GLU B 70 -9.07 -6.84 -43.02
N ARG B 71 -8.87 -5.97 -42.02
CA ARG B 71 -7.86 -6.18 -40.99
C ARG B 71 -8.30 -7.13 -39.89
N ILE B 72 -9.61 -7.33 -39.76
CA ILE B 72 -10.14 -8.09 -38.64
C ILE B 72 -9.69 -9.54 -38.75
N GLY B 73 -9.12 -10.06 -37.67
CA GLY B 73 -8.70 -11.44 -37.58
C GLY B 73 -7.42 -11.77 -38.30
N LYS B 74 -6.86 -10.83 -39.05
CA LYS B 74 -5.72 -11.08 -39.92
C LYS B 74 -4.50 -10.26 -39.57
N SER B 75 -4.70 -9.06 -39.02
N SER B 75 -4.69 -9.06 -39.03
CA SER B 75 -3.63 -8.11 -38.76
CA SER B 75 -3.60 -8.14 -38.76
C SER B 75 -3.54 -7.79 -37.28
C SER B 75 -3.49 -7.90 -37.26
N MET B 76 -2.36 -7.32 -36.88
CA MET B 76 -2.16 -6.80 -35.54
C MET B 76 -2.76 -5.40 -35.47
N ILE B 77 -3.09 -4.97 -34.25
CA ILE B 77 -3.73 -3.67 -34.11
C ILE B 77 -2.79 -2.50 -34.33
N GLY B 78 -1.48 -2.68 -34.14
CA GLY B 78 -0.55 -1.61 -34.41
C GLY B 78 0.11 -1.09 -33.14
N GLY B 79 1.44 -1.07 -33.12
CA GLY B 79 2.19 -0.51 -32.02
C GLY B 79 2.51 -1.52 -30.94
N ASP B 80 3.40 -1.10 -30.03
CA ASP B 80 3.78 -1.96 -28.92
C ASP B 80 2.63 -2.16 -27.96
N ASN B 81 2.41 -3.42 -27.60
CA ASN B 81 1.36 -3.79 -26.65
C ASN B 81 1.90 -4.34 -25.35
N LYS B 82 3.22 -4.43 -25.19
CA LYS B 82 3.81 -5.05 -24.00
C LYS B 82 3.34 -4.36 -22.72
N GLU B 83 3.32 -3.02 -22.71
CA GLU B 83 2.92 -2.31 -21.50
C GLU B 83 1.43 -2.50 -21.22
N VAL B 84 0.57 -2.41 -22.24
CA VAL B 84 -0.86 -2.54 -22.01
C VAL B 84 -1.18 -3.94 -21.48
N LEU B 85 -0.48 -4.96 -21.98
CA LEU B 85 -0.72 -6.33 -21.53
C LEU B 85 -0.34 -6.53 -20.07
N LYS B 86 0.50 -5.66 -19.53
CA LYS B 86 0.78 -5.63 -18.09
C LYS B 86 -0.28 -4.88 -17.31
N GLY B 87 -1.30 -4.36 -17.99
CA GLY B 87 -2.36 -3.61 -17.33
C GLY B 87 -2.21 -2.11 -17.34
N LYS B 88 -1.21 -1.58 -18.03
CA LYS B 88 -0.97 -0.15 -18.08
C LYS B 88 -1.85 0.50 -19.15
N SER B 89 -2.29 1.72 -18.86
CA SER B 89 -2.93 2.61 -19.83
C SER B 89 -1.89 3.59 -20.34
N ILE B 90 -1.87 3.81 -21.64
CA ILE B 90 -0.80 4.53 -22.29
C ILE B 90 -1.38 5.58 -23.21
N ILE B 91 -0.84 6.79 -23.11
CA ILE B 91 -1.05 7.83 -24.09
C ILE B 91 0.25 8.00 -24.84
N SER B 92 0.20 7.95 -26.17
CA SER B 92 1.42 8.04 -26.94
C SER B 92 1.22 9.01 -28.09
N GLU B 93 2.32 9.54 -28.59
CA GLU B 93 2.27 10.47 -29.70
C GLU B 93 3.31 10.09 -30.73
N ALA B 94 2.99 10.38 -31.99
CA ALA B 94 3.96 10.35 -33.07
C ALA B 94 4.10 11.78 -33.60
N VAL B 95 5.33 12.25 -33.74
CA VAL B 95 5.60 13.64 -34.07
C VAL B 95 6.02 13.80 -35.53
N PRO B 100 0.59 15.73 -36.04
CA PRO B 100 0.65 14.89 -34.83
C PRO B 100 -0.43 13.83 -34.80
N ALA B 101 -0.04 12.62 -34.40
CA ALA B 101 -0.96 11.52 -34.21
C ALA B 101 -0.96 11.18 -32.73
N ILE B 102 -2.15 11.03 -32.17
CA ILE B 102 -2.30 10.80 -30.74
C ILE B 102 -3.02 9.48 -30.58
N ARG B 103 -2.59 8.68 -29.62
CA ARG B 103 -3.23 7.41 -29.38
C ARG B 103 -3.38 7.17 -27.89
N GLY B 104 -4.53 6.64 -27.50
CA GLY B 104 -4.72 6.11 -26.16
C GLY B 104 -4.96 4.62 -26.24
N LYS B 105 -4.25 3.84 -25.42
CA LYS B 105 -4.46 2.41 -25.35
C LYS B 105 -4.82 2.03 -23.92
N ALA B 106 -5.84 1.19 -23.79
CA ALA B 106 -6.29 0.75 -22.47
C ALA B 106 -6.44 -0.77 -22.45
N PRO B 107 -6.12 -1.39 -21.32
CA PRO B 107 -6.31 -2.84 -21.20
C PRO B 107 -7.76 -3.23 -20.97
N ILE B 108 -8.12 -4.40 -21.48
CA ILE B 108 -9.39 -5.03 -21.17
C ILE B 108 -9.11 -6.12 -20.15
N PHE B 109 -9.73 -6.03 -18.97
CA PHE B 109 -9.56 -7.00 -17.90
C PHE B 109 -10.70 -8.00 -17.82
N ASP B 110 -10.36 -9.26 -17.53
CA ASP B 110 -11.36 -10.26 -17.18
C ASP B 110 -11.63 -10.19 -15.67
N GLU B 111 -12.43 -11.12 -15.17
CA GLU B 111 -12.84 -11.09 -13.76
C GLU B 111 -11.69 -11.35 -12.79
N ASN B 112 -10.54 -11.83 -13.26
CA ASN B 112 -9.39 -12.03 -12.39
C ASN B 112 -8.32 -10.95 -12.54
N GLY B 113 -8.60 -9.88 -13.30
CA GLY B 113 -7.59 -8.87 -13.54
C GLY B 113 -6.53 -9.26 -14.54
N SER B 114 -6.71 -10.39 -15.22
CA SER B 114 -5.86 -10.74 -16.35
C SER B 114 -6.24 -9.87 -17.52
N VAL B 115 -5.24 -9.38 -18.24
CA VAL B 115 -5.51 -8.59 -19.43
C VAL B 115 -5.84 -9.56 -20.57
N ILE B 116 -7.03 -9.42 -21.14
CA ILE B 116 -7.46 -10.29 -22.23
C ILE B 116 -7.46 -9.58 -23.58
N GLY B 117 -7.24 -8.28 -23.60
CA GLY B 117 -7.26 -7.56 -24.85
C GLY B 117 -6.93 -6.11 -24.64
N ILE B 118 -7.01 -5.35 -25.73
CA ILE B 118 -6.50 -4.00 -25.83
C ILE B 118 -7.51 -3.19 -26.59
N VAL B 119 -7.79 -1.97 -26.13
CA VAL B 119 -8.52 -0.98 -26.92
C VAL B 119 -7.53 0.11 -27.31
N SER B 120 -7.48 0.44 -28.59
CA SER B 120 -6.62 1.51 -29.09
C SER B 120 -7.47 2.56 -29.79
N VAL B 121 -7.36 3.81 -29.37
CA VAL B 121 -8.16 4.89 -29.90
C VAL B 121 -7.22 5.99 -30.38
N GLY B 122 -7.39 6.43 -31.63
CA GLY B 122 -6.53 7.43 -32.21
C GLY B 122 -7.26 8.66 -32.70
N PHE B 123 -6.55 9.80 -32.66
CA PHE B 123 -7.00 11.06 -33.28
C PHE B 123 -5.84 11.59 -34.11
N LEU B 124 -6.18 12.28 -35.20
CA LEU B 124 -5.21 12.99 -36.02
C LEU B 124 -5.29 14.49 -35.74
N LEU B 125 -4.13 15.14 -35.75
N LEU B 125 -4.12 15.12 -35.72
CA LEU B 125 -4.11 16.59 -35.57
CA LEU B 125 -4.00 16.57 -35.64
C LEU B 125 -3.44 17.28 -36.74
C LEU B 125 -3.25 17.11 -36.84
N GLU B 126 -3.56 16.70 -37.94
N GLU B 126 -3.59 16.60 -38.04
CA GLU B 126 -2.84 17.26 -39.09
CA GLU B 126 -2.99 17.10 -39.26
C GLU B 126 -3.41 18.61 -39.50
C GLU B 126 -3.43 18.52 -39.56
N ASP B 127 -4.73 18.73 -39.61
CA ASP B 127 -5.38 20.00 -39.95
C ASP B 127 -6.09 20.52 -38.70
N ILE B 128 -5.63 21.64 -38.16
CA ILE B 128 -6.38 22.30 -37.09
C ILE B 128 -7.35 23.28 -37.73
N GLN B 129 -6.83 24.30 -38.41
CA GLN B 129 -7.72 25.28 -39.05
C GLN B 129 -7.16 25.72 -40.38
N ARG B 130 -6.47 24.79 -41.07
CA ARG B 130 -5.88 25.05 -42.40
C ARG B 130 -6.90 25.63 -43.38
N THR B 131 -8.10 25.08 -43.43
CA THR B 131 -9.07 25.52 -44.41
C THR B 131 -10.17 26.35 -43.77
N LEU C 4 -14.68 12.89 20.33
CA LEU C 4 -14.31 13.66 19.14
C LEU C 4 -12.86 14.11 19.23
N LYS C 5 -12.48 14.63 20.39
CA LYS C 5 -11.08 14.97 20.64
C LYS C 5 -10.19 13.75 20.45
N GLU C 6 -10.68 12.57 20.86
CA GLU C 6 -9.91 11.35 20.69
C GLU C 6 -9.73 11.00 19.23
N GLN C 7 -10.76 11.22 18.41
CA GLN C 7 -10.65 10.90 16.98
C GLN C 7 -9.80 11.92 16.22
N ILE C 8 -9.81 13.18 16.64
CA ILE C 8 -8.87 14.13 16.03
C ILE C 8 -7.44 13.76 16.41
N GLY C 9 -7.24 13.27 17.64
CA GLY C 9 -5.94 12.75 18.00
C GLY C 9 -5.55 11.56 17.16
N MET C 10 -6.52 10.72 16.82
CA MET C 10 -6.25 9.57 15.96
C MET C 10 -5.94 10.01 14.53
N ARG C 11 -6.62 11.06 14.05
CA ARG C 11 -6.23 11.69 12.78
C ARG C 11 -4.76 12.07 12.81
N ALA C 12 -4.35 12.83 13.84
CA ALA C 12 -2.97 13.29 13.95
C ALA C 12 -2.01 12.11 13.99
N LEU C 13 -2.31 11.10 14.80
CA LEU C 13 -1.40 9.97 14.94
C LEU C 13 -1.32 9.15 13.65
N ASN C 14 -2.45 8.92 12.98
CA ASN C 14 -2.42 8.16 11.74
C ASN C 14 -1.60 8.87 10.66
N VAL C 15 -1.70 10.19 10.56
CA VAL C 15 -0.86 10.92 9.60
C VAL C 15 0.60 10.78 9.99
N ALA C 16 0.92 10.95 11.28
CA ALA C 16 2.31 10.84 11.71
C ALA C 16 2.89 9.46 11.42
N GLU C 17 2.11 8.41 11.74
CA GLU C 17 2.57 7.05 11.50
C GLU C 17 2.80 6.78 10.02
N THR C 18 1.88 7.29 9.17
CA THR C 18 2.04 7.09 7.73
C THR C 18 3.27 7.83 7.21
N VAL C 19 3.48 9.07 7.65
CA VAL C 19 4.68 9.81 7.24
C VAL C 19 5.92 9.09 7.72
N ALA C 20 5.91 8.62 8.98
CA ALA C 20 7.09 7.96 9.56
C ALA C 20 7.45 6.66 8.83
N SER C 21 6.46 6.01 8.19
CA SER C 21 6.67 4.76 7.49
C SER C 21 6.98 4.94 6.01
N THR C 22 6.98 6.18 5.52
CA THR C 22 7.27 6.44 4.12
C THR C 22 8.76 6.26 3.85
N SER C 23 9.09 5.55 2.76
N SER C 23 9.10 5.55 2.77
CA SER C 23 10.49 5.29 2.43
CA SER C 23 10.50 5.30 2.46
C SER C 23 11.27 6.59 2.25
C SER C 23 11.26 6.60 2.28
N LEU C 24 10.63 7.61 1.67
CA LEU C 24 11.28 8.90 1.47
C LEU C 24 11.82 9.47 2.77
N VAL C 25 11.05 9.33 3.84
CA VAL C 25 11.40 9.98 5.09
C VAL C 25 12.59 9.25 5.73
N ARG C 26 12.50 7.93 5.80
CA ARG C 26 13.58 7.12 6.37
C ARG C 26 14.88 7.33 5.60
N GLU C 27 14.80 7.38 4.27
CA GLU C 27 15.97 7.54 3.41
C GLU C 27 16.61 8.92 3.57
N ALA C 28 15.79 9.96 3.78
CA ALA C 28 16.34 11.31 3.87
C ALA C 28 17.31 11.46 5.03
N PHE C 29 17.17 10.63 6.06
CA PHE C 29 18.07 10.72 7.21
C PHE C 29 19.49 10.28 6.89
N ARG C 30 19.71 9.64 5.74
CA ARG C 30 21.06 9.33 5.28
C ARG C 30 21.71 10.49 4.53
N ASP C 31 20.93 11.51 4.16
CA ASP C 31 21.46 12.67 3.45
C ASP C 31 22.21 13.59 4.39
N SER C 32 23.16 14.35 3.85
CA SER C 32 23.88 15.32 4.66
C SER C 32 22.96 16.45 5.13
N ASN C 33 22.00 16.86 4.31
CA ASN C 33 20.93 17.78 4.70
C ASN C 33 19.59 17.09 4.47
N PRO C 34 19.07 16.37 5.45
CA PRO C 34 17.76 15.72 5.29
C PRO C 34 16.62 16.67 4.96
N SER C 35 16.73 17.96 5.29
CA SER C 35 15.63 18.89 5.04
C SER C 35 15.31 19.02 3.56
N VAL C 36 16.28 18.82 2.69
CA VAL C 36 16.03 19.03 1.26
C VAL C 36 14.89 18.14 0.78
N ARG C 37 14.88 16.89 1.22
CA ARG C 37 13.79 16.00 0.84
C ARG C 37 12.64 16.03 1.84
N LEU C 38 12.93 16.23 3.13
CA LEU C 38 11.88 16.12 4.14
C LEU C 38 10.90 17.28 4.08
N GLN C 39 11.39 18.51 3.89
CA GLN C 39 10.52 19.68 3.98
C GLN C 39 9.45 19.72 2.88
N PRO C 40 9.75 19.48 1.60
CA PRO C 40 8.66 19.49 0.60
C PRO C 40 7.62 18.40 0.83
N PHE C 41 8.04 17.23 1.31
CA PHE C 41 7.07 16.17 1.56
C PHE C 41 6.19 16.52 2.75
N ALA C 42 6.82 16.94 3.85
CA ALA C 42 6.07 17.34 5.04
C ALA C 42 5.07 18.43 4.71
N GLU C 43 5.49 19.42 3.92
CA GLU C 43 4.59 20.51 3.57
C GLU C 43 3.44 20.02 2.71
N ARG C 44 3.72 19.15 1.74
CA ARG C 44 2.64 18.57 0.93
C ARG C 44 1.64 17.83 1.81
N ILE C 45 2.13 17.02 2.75
CA ILE C 45 1.20 16.28 3.60
C ILE C 45 0.42 17.22 4.49
N ARG C 46 1.10 18.23 5.05
CA ARG C 46 0.43 19.20 5.91
C ARG C 46 -0.71 19.89 5.16
N GLN C 47 -0.44 20.33 3.93
CA GLN C 47 -1.49 20.98 3.11
C GLN C 47 -2.64 20.04 2.82
N LYS C 48 -2.35 18.80 2.38
CA LYS C 48 -3.40 17.91 1.93
C LYS C 48 -4.31 17.46 3.07
N THR C 49 -3.76 17.27 4.26
CA THR C 49 -4.51 16.74 5.39
C THR C 49 -5.19 17.81 6.24
N GLY C 50 -4.83 19.07 6.10
CA GLY C 50 -5.40 20.12 6.94
C GLY C 50 -4.71 20.27 8.28
N ALA C 51 -3.55 19.66 8.46
CA ALA C 51 -2.82 19.79 9.71
C ALA C 51 -2.29 21.21 9.89
N GLU C 52 -2.10 21.58 11.15
CA GLU C 52 -1.39 22.81 11.44
C GLU C 52 0.10 22.64 11.17
N TYR C 53 0.65 21.47 11.53
CA TYR C 53 2.06 21.22 11.27
C TYR C 53 2.31 19.73 11.08
N VAL C 54 3.33 19.43 10.27
CA VAL C 54 3.94 18.11 10.15
C VAL C 54 5.42 18.32 10.39
N VAL C 55 5.86 18.09 11.61
CA VAL C 55 7.25 18.35 11.98
C VAL C 55 8.00 17.03 12.00
N ILE C 56 9.14 16.97 11.33
CA ILE C 56 9.97 15.79 11.31
C ILE C 56 11.32 16.17 11.91
N GLY C 57 11.74 15.45 12.95
CA GLY C 57 12.97 15.76 13.63
C GLY C 57 13.85 14.55 13.89
N ASN C 58 15.07 14.84 14.33
CA ASN C 58 16.01 13.79 14.70
C ASN C 58 15.73 13.31 16.13
N ARG C 59 16.63 12.49 16.67
CA ARG C 59 16.37 11.90 17.99
C ARG C 59 16.38 12.96 19.09
N GLN C 60 17.10 14.06 18.89
CA GLN C 60 17.10 15.15 19.84
C GLN C 60 15.88 16.05 19.68
N GLY C 61 15.04 15.79 18.67
CA GLY C 61 13.88 16.61 18.44
C GLY C 61 14.13 17.82 17.57
N ILE C 62 15.34 17.99 17.05
CA ILE C 62 15.64 19.11 16.17
C ILE C 62 14.89 18.95 14.86
N ALA C 63 14.15 19.99 14.46
CA ALA C 63 13.25 19.91 13.33
C ALA C 63 13.99 19.99 12.00
N TYR C 64 13.87 18.94 11.19
N TYR C 64 13.87 18.94 11.19
N TYR C 64 13.90 18.92 11.18
CA TYR C 64 14.31 18.97 9.80
CA TYR C 64 14.32 18.99 9.80
CA TYR C 64 14.32 18.98 9.79
C TYR C 64 13.22 19.45 8.85
C TYR C 64 13.21 19.47 8.86
C TYR C 64 13.22 19.54 8.89
N ALA C 65 11.97 19.46 9.31
CA ALA C 65 10.84 19.97 8.54
C ALA C 65 9.91 20.67 9.52
N HIS C 66 9.35 21.80 9.09
CA HIS C 66 8.58 22.69 9.95
C HIS C 66 7.78 23.61 9.04
N PRO C 67 6.54 23.95 9.38
CA PRO C 67 5.75 24.82 8.49
C PRO C 67 6.31 26.23 8.36
N LEU C 68 7.17 26.66 9.28
CA LEU C 68 7.90 27.91 9.13
C LEU C 68 9.35 27.54 8.77
N THR C 69 9.71 27.73 7.51
CA THR C 69 11.00 27.23 7.04
C THR C 69 12.17 27.89 7.75
N GLU C 70 12.01 29.09 8.31
CA GLU C 70 13.09 29.71 9.06
C GLU C 70 13.31 29.05 10.41
N ARG C 71 12.46 28.11 10.82
CA ARG C 71 12.60 27.42 12.08
C ARG C 71 13.36 26.11 11.94
N ILE C 72 13.63 25.70 10.69
CA ILE C 72 14.27 24.42 10.43
C ILE C 72 15.70 24.45 10.98
N GLY C 73 16.06 23.42 11.72
CA GLY C 73 17.35 23.36 12.39
C GLY C 73 17.43 24.13 13.69
N LYS C 74 16.38 24.87 14.05
CA LYS C 74 16.36 25.68 15.26
C LYS C 74 15.31 25.22 16.24
N SER C 75 14.09 24.99 15.78
CA SER C 75 13.05 24.59 16.70
C SER C 75 13.18 23.11 17.07
N MET C 76 12.65 22.77 18.24
N MET C 76 12.63 22.77 18.23
CA MET C 76 12.60 21.41 18.72
CA MET C 76 12.60 21.42 18.75
C MET C 76 11.15 20.95 18.75
C MET C 76 11.16 20.93 18.83
N ILE C 77 10.96 19.65 18.52
CA ILE C 77 9.64 19.05 18.72
C ILE C 77 9.24 19.19 20.18
N GLY C 78 8.12 19.88 20.41
CA GLY C 78 7.69 20.18 21.76
C GLY C 78 7.05 18.98 22.43
N GLY C 79 6.99 19.05 23.76
CA GLY C 79 6.41 17.99 24.55
C GLY C 79 7.40 16.87 24.82
N ASP C 80 6.96 15.94 25.66
CA ASP C 80 7.80 14.79 26.01
C ASP C 80 8.01 13.87 24.82
N ASN C 81 9.27 13.62 24.49
CA ASN C 81 9.64 12.71 23.42
C ASN C 81 10.25 11.40 23.91
N LYS C 82 10.38 11.21 25.22
CA LYS C 82 11.09 10.05 25.74
C LYS C 82 10.39 8.75 25.35
N GLU C 83 9.06 8.74 25.36
CA GLU C 83 8.31 7.54 25.00
C GLU C 83 8.46 7.22 23.53
N VAL C 84 8.46 8.25 22.68
CA VAL C 84 8.64 8.04 21.24
C VAL C 84 10.02 7.46 20.95
N LEU C 85 11.04 7.93 21.68
CA LEU C 85 12.37 7.40 21.50
C LEU C 85 12.45 5.93 21.90
N LYS C 86 11.55 5.47 22.76
CA LYS C 86 11.41 4.07 23.10
C LYS C 86 10.63 3.28 22.06
N GLY C 87 10.22 3.92 20.96
CA GLY C 87 9.48 3.25 19.92
C GLY C 87 7.98 3.31 20.05
N LYS C 88 7.46 4.10 20.99
CA LYS C 88 6.02 4.19 21.21
C LYS C 88 5.45 5.36 20.42
N SER C 89 4.16 5.26 20.10
CA SER C 89 3.42 6.35 19.46
C SER C 89 2.49 6.98 20.49
N ILE C 90 2.46 8.31 20.50
CA ILE C 90 1.93 9.09 21.61
C ILE C 90 0.98 10.16 21.08
N ILE C 91 -0.21 10.23 21.67
CA ILE C 91 -1.13 11.34 21.44
C ILE C 91 -1.11 12.24 22.66
N SER C 92 -1.12 13.56 22.42
CA SER C 92 -1.13 14.52 23.53
C SER C 92 -1.78 15.81 23.08
N GLU C 93 -2.34 16.54 24.04
CA GLU C 93 -2.89 17.85 23.81
C GLU C 93 -1.82 18.90 24.07
N ALA C 94 -1.87 19.98 23.28
CA ALA C 94 -0.89 21.04 23.38
C ALA C 94 -1.58 22.35 23.02
N VAL C 95 -0.84 23.44 23.19
N VAL C 95 -0.82 23.45 23.19
CA VAL C 95 -1.35 24.75 22.78
CA VAL C 95 -1.30 24.77 22.84
C VAL C 95 -0.20 25.52 22.14
C VAL C 95 -0.18 25.52 22.13
N GLY C 96 -0.57 26.39 21.19
CA GLY C 96 0.38 27.25 20.54
C GLY C 96 -0.30 28.58 20.27
N SER C 97 0.39 29.47 19.56
CA SER C 97 -0.16 30.79 19.28
C SER C 97 -1.50 30.71 18.58
N LEU C 98 -1.75 29.66 17.79
CA LEU C 98 -3.00 29.56 17.04
C LEU C 98 -4.11 28.87 17.82
N GLY C 99 -3.85 28.41 19.04
CA GLY C 99 -4.90 27.85 19.86
C GLY C 99 -4.64 26.41 20.27
N PRO C 100 -5.61 25.83 20.98
CA PRO C 100 -5.46 24.43 21.42
C PRO C 100 -5.29 23.51 20.22
N ALA C 101 -4.41 22.52 20.38
CA ALA C 101 -4.18 21.53 19.35
C ALA C 101 -4.11 20.16 20.00
N ILE C 102 -4.24 19.14 19.18
CA ILE C 102 -3.95 17.77 19.60
C ILE C 102 -2.96 17.21 18.59
N ARG C 103 -1.95 16.50 19.08
CA ARG C 103 -0.88 16.04 18.22
C ARG C 103 -0.63 14.56 18.43
N GLY C 104 -0.15 13.92 17.37
CA GLY C 104 0.32 12.55 17.40
C GLY C 104 1.78 12.46 17.02
N LYS C 105 2.55 11.72 17.80
CA LYS C 105 3.97 11.54 17.54
C LYS C 105 4.25 10.07 17.23
N ALA C 106 5.01 9.82 16.18
CA ALA C 106 5.38 8.47 15.79
C ALA C 106 6.89 8.39 15.61
N PRO C 107 7.49 7.27 15.97
CA PRO C 107 8.94 7.11 15.75
C PRO C 107 9.24 6.78 14.30
N ILE C 108 10.41 7.24 13.86
CA ILE C 108 10.98 6.84 12.58
C ILE C 108 12.04 5.78 12.83
N PHE C 109 11.92 4.63 12.19
CA PHE C 109 12.82 3.50 12.37
C PHE C 109 13.77 3.35 11.20
N ASP C 110 15.00 2.95 11.47
CA ASP C 110 15.89 2.53 10.40
C ASP C 110 15.65 1.06 10.05
N GLU C 111 16.47 0.53 9.13
CA GLU C 111 16.28 -0.83 8.67
C GLU C 111 16.51 -1.87 9.77
N ASN C 112 17.12 -1.48 10.89
CA ASN C 112 17.42 -2.40 11.99
C ASN C 112 16.55 -2.14 13.22
N GLY C 113 15.45 -1.40 13.08
CA GLY C 113 14.55 -1.20 14.21
C GLY C 113 14.98 -0.15 15.23
N SER C 114 16.07 0.56 14.99
CA SER C 114 16.45 1.67 15.85
C SER C 114 15.66 2.92 15.49
N VAL C 115 15.29 3.70 16.50
CA VAL C 115 14.60 4.98 16.29
C VAL C 115 15.61 6.03 15.86
N ILE C 116 15.42 6.59 14.67
CA ILE C 116 16.32 7.61 14.16
C ILE C 116 15.67 8.99 14.15
N GLY C 117 14.37 9.09 14.39
CA GLY C 117 13.70 10.38 14.37
C GLY C 117 12.27 10.30 14.88
N ILE C 118 11.59 11.44 14.78
CA ILE C 118 10.24 11.63 15.29
C ILE C 118 9.45 12.40 14.23
N VAL C 119 8.21 11.98 14.00
CA VAL C 119 7.21 12.76 13.28
C VAL C 119 6.16 13.23 14.27
N SER C 120 5.89 14.53 14.29
CA SER C 120 4.86 15.09 15.15
C SER C 120 3.89 15.87 14.26
N VAL C 121 2.63 15.45 14.28
CA VAL C 121 1.59 16.05 13.46
C VAL C 121 0.57 16.64 14.41
N GLY C 122 0.22 17.90 14.22
CA GLY C 122 -0.76 18.58 15.07
C GLY C 122 -1.93 19.13 14.29
N PHE C 123 -3.13 18.99 14.86
CA PHE C 123 -4.35 19.59 14.33
C PHE C 123 -4.93 20.57 15.34
N LEU C 124 -5.35 21.74 14.86
CA LEU C 124 -6.09 22.68 15.70
C LEU C 124 -7.43 22.09 16.11
N LEU C 125 -7.78 22.25 17.38
CA LEU C 125 -9.06 21.76 17.88
C LEU C 125 -10.15 22.71 17.41
N GLU C 126 -10.72 22.40 16.26
CA GLU C 126 -11.74 23.20 15.60
C GLU C 126 -12.49 22.29 14.64
N ASP C 127 -13.77 22.59 14.44
CA ASP C 127 -14.57 21.81 13.51
C ASP C 127 -14.01 21.94 12.09
N GLY D 1 -12.92 -13.70 29.35
CA GLY D 1 -11.54 -13.56 29.83
C GLY D 1 -10.75 -14.82 29.59
N SER D 2 -9.43 -14.76 29.83
CA SER D 2 -8.55 -15.89 29.55
C SER D 2 -7.75 -16.19 30.81
N THR D 3 -7.40 -17.46 30.96
CA THR D 3 -6.46 -17.85 32.00
C THR D 3 -5.11 -17.21 31.76
N LEU D 4 -4.29 -17.21 32.81
CA LEU D 4 -2.95 -16.61 32.70
C LEU D 4 -2.14 -17.25 31.60
N LYS D 5 -2.18 -18.58 31.48
CA LYS D 5 -1.47 -19.27 30.41
C LYS D 5 -1.99 -18.87 29.05
N GLU D 6 -3.30 -18.69 28.94
CA GLU D 6 -3.85 -18.28 27.66
C GLU D 6 -3.47 -16.84 27.35
N GLN D 7 -3.48 -15.95 28.35
CA GLN D 7 -3.08 -14.57 28.14
C GLN D 7 -1.66 -14.49 27.63
N ILE D 8 -0.76 -15.26 28.25
CA ILE D 8 0.62 -15.20 27.82
C ILE D 8 0.79 -15.88 26.46
N GLY D 9 0.06 -16.98 26.24
CA GLY D 9 0.12 -17.63 24.94
C GLY D 9 -0.32 -16.71 23.82
N MET D 10 -1.35 -15.91 24.11
CA MET D 10 -1.82 -14.92 23.17
C MET D 10 -0.75 -13.86 22.87
N ARG D 11 -0.04 -13.41 23.91
N ARG D 11 -0.03 -13.41 23.91
CA ARG D 11 1.08 -12.50 23.73
CA ARG D 11 1.07 -12.48 23.69
C ARG D 11 2.14 -13.13 22.84
C ARG D 11 2.15 -13.13 22.83
N ALA D 12 2.48 -14.39 23.10
CA ALA D 12 3.49 -15.10 22.32
C ALA D 12 3.08 -15.21 20.85
N LEU D 13 1.84 -15.64 20.60
N LEU D 13 1.77 -15.35 20.59
CA LEU D 13 1.40 -15.79 19.21
CA LEU D 13 1.28 -15.29 19.22
C LEU D 13 1.40 -14.46 18.49
C LEU D 13 1.41 -13.91 18.61
N ASN D 14 1.04 -13.37 19.19
N ASN D 14 0.97 -12.87 19.34
CA ASN D 14 1.08 -12.05 18.58
CA ASN D 14 1.07 -11.52 18.79
C ASN D 14 2.50 -11.68 18.17
C ASN D 14 2.50 -11.19 18.41
N VAL D 15 3.46 -11.80 19.10
CA VAL D 15 4.87 -11.57 18.74
C VAL D 15 5.27 -12.42 17.54
N ALA D 16 4.92 -13.72 17.56
CA ALA D 16 5.29 -14.60 16.45
C ALA D 16 4.72 -14.10 15.14
N GLU D 17 3.47 -13.63 15.15
CA GLU D 17 2.86 -13.13 13.93
C GLU D 17 3.51 -11.85 13.44
N THR D 18 3.83 -10.94 14.37
CA THR D 18 4.56 -9.73 14.01
C THR D 18 5.89 -10.07 13.35
N VAL D 19 6.65 -11.00 13.93
CA VAL D 19 7.92 -11.41 13.31
C VAL D 19 7.69 -11.98 11.93
N ALA D 20 6.73 -12.89 11.81
CA ALA D 20 6.49 -13.58 10.56
C ALA D 20 6.06 -12.64 9.45
N SER D 21 5.51 -11.47 9.76
CA SER D 21 5.06 -10.53 8.73
C SER D 21 6.03 -9.38 8.51
N THR D 22 7.18 -9.41 9.17
CA THR D 22 8.16 -8.34 9.05
C THR D 22 8.83 -8.46 7.69
N SER D 23 9.02 -7.32 7.02
CA SER D 23 9.67 -7.35 5.71
C SER D 23 11.12 -7.82 5.83
N LEU D 24 11.79 -7.42 6.91
CA LEU D 24 13.15 -7.91 7.16
C LEU D 24 13.21 -9.43 7.11
N VAL D 25 12.22 -10.09 7.71
CA VAL D 25 12.27 -11.56 7.78
C VAL D 25 12.07 -12.17 6.40
N ARG D 26 11.07 -11.67 5.65
CA ARG D 26 10.84 -12.18 4.30
C ARG D 26 12.06 -11.98 3.42
N GLU D 27 12.68 -10.79 3.50
CA GLU D 27 13.86 -10.52 2.70
C GLU D 27 15.02 -11.44 3.10
N ALA D 28 15.21 -11.66 4.40
CA ALA D 28 16.34 -12.46 4.85
C ALA D 28 16.25 -13.89 4.32
N PHE D 29 15.03 -14.42 4.17
CA PHE D 29 14.86 -15.77 3.66
C PHE D 29 15.28 -15.88 2.20
N ARG D 30 15.48 -14.78 1.50
N ARG D 30 15.45 -14.75 1.50
CA ARG D 30 15.98 -14.85 0.13
CA ARG D 30 15.93 -14.73 0.14
C ARG D 30 17.50 -14.92 0.05
C ARG D 30 17.45 -14.64 0.05
N ASP D 31 18.19 -14.65 1.17
N ASP D 31 18.14 -14.72 1.19
CA ASP D 31 19.64 -14.63 1.25
CA ASP D 31 19.60 -14.71 1.23
C ASP D 31 20.18 -16.06 1.41
C ASP D 31 20.14 -16.12 1.33
N SER D 32 21.39 -16.28 0.87
CA SER D 32 22.07 -17.56 1.05
C SER D 32 22.27 -17.90 2.53
N ASN D 33 22.38 -16.90 3.40
CA ASN D 33 22.59 -17.10 4.83
C ASN D 33 21.62 -16.21 5.58
N PRO D 34 20.37 -16.66 5.74
CA PRO D 34 19.36 -15.83 6.42
C PRO D 34 19.73 -15.50 7.86
N SER D 35 20.54 -16.32 8.51
N SER D 35 20.53 -16.35 8.52
CA SER D 35 20.84 -16.09 9.92
CA SER D 35 20.89 -16.12 9.92
C SER D 35 21.55 -14.76 10.16
C SER D 35 21.54 -14.76 10.14
N VAL D 36 22.33 -14.27 9.18
CA VAL D 36 23.08 -13.04 9.38
C VAL D 36 22.15 -11.90 9.76
N ARG D 37 21.01 -11.78 9.06
N ARG D 37 21.02 -11.76 9.06
CA ARG D 37 20.04 -10.74 9.38
CA ARG D 37 20.07 -10.72 9.45
C ARG D 37 19.02 -11.19 10.42
C ARG D 37 19.05 -11.21 10.48
N LEU D 38 18.67 -12.48 10.42
CA LEU D 38 17.62 -12.96 11.34
C LEU D 38 18.08 -12.98 12.79
N GLN D 39 19.32 -13.38 13.07
CA GLN D 39 19.75 -13.55 14.46
C GLN D 39 19.69 -12.24 15.26
N PRO D 40 20.24 -11.10 14.81
CA PRO D 40 20.11 -9.89 15.63
C PRO D 40 18.67 -9.36 15.70
N PHE D 41 17.89 -9.56 14.63
CA PHE D 41 16.49 -9.17 14.68
C PHE D 41 15.75 -9.95 15.75
N ALA D 42 15.93 -11.27 15.76
CA ALA D 42 15.20 -12.08 16.72
C ALA D 42 15.62 -11.75 18.15
N GLU D 43 16.89 -11.42 18.36
CA GLU D 43 17.36 -10.99 19.68
C GLU D 43 16.71 -9.68 20.08
N ARG D 44 16.60 -8.75 19.13
N ARG D 44 16.62 -8.70 19.16
CA ARG D 44 16.02 -7.43 19.38
CA ARG D 44 16.00 -7.43 19.54
C ARG D 44 14.55 -7.53 19.77
C ARG D 44 14.52 -7.62 19.88
N ILE D 45 13.79 -8.37 19.06
CA ILE D 45 12.36 -8.57 19.35
C ILE D 45 12.19 -9.27 20.69
N ARG D 46 13.01 -10.29 20.95
CA ARG D 46 12.93 -10.99 22.23
C ARG D 46 13.12 -10.03 23.39
N GLN D 47 14.15 -9.18 23.29
CA GLN D 47 14.46 -8.26 24.38
C GLN D 47 13.35 -7.23 24.58
N LYS D 48 12.77 -6.75 23.48
CA LYS D 48 11.70 -5.78 23.57
C LYS D 48 10.43 -6.37 24.18
N THR D 49 10.16 -7.65 23.95
CA THR D 49 8.90 -8.26 24.37
C THR D 49 9.00 -9.06 25.66
N GLY D 50 10.20 -9.31 26.17
CA GLY D 50 10.33 -10.09 27.39
C GLY D 50 10.24 -11.58 27.20
N ALA D 51 10.27 -12.09 25.96
CA ALA D 51 10.14 -13.51 25.72
C ALA D 51 11.38 -14.28 26.19
N GLU D 52 11.19 -15.56 26.42
N GLU D 52 11.20 -15.58 26.42
CA GLU D 52 12.32 -16.44 26.68
CA GLU D 52 12.32 -16.47 26.69
C GLU D 52 13.11 -16.70 25.41
C GLU D 52 13.07 -16.87 25.43
N TYR D 53 12.42 -16.79 24.28
CA TYR D 53 13.09 -17.01 23.00
C TYR D 53 12.19 -16.53 21.87
N VAL D 54 12.82 -16.03 20.81
CA VAL D 54 12.20 -15.86 19.49
C VAL D 54 13.06 -16.69 18.55
N VAL D 55 12.56 -17.84 18.13
CA VAL D 55 13.30 -18.76 17.28
C VAL D 55 12.70 -18.69 15.88
N ILE D 56 13.55 -18.55 14.85
CA ILE D 56 13.08 -18.51 13.47
C ILE D 56 13.74 -19.64 12.72
N GLY D 57 12.94 -20.44 12.03
CA GLY D 57 13.42 -21.63 11.36
C GLY D 57 12.90 -21.72 9.93
N ASN D 58 13.49 -22.64 9.17
CA ASN D 58 13.10 -22.81 7.78
C ASN D 58 12.02 -23.87 7.66
N ARG D 59 11.68 -24.27 6.43
CA ARG D 59 10.61 -25.23 6.21
C ARG D 59 10.93 -26.61 6.75
N GLN D 60 12.22 -26.94 6.92
CA GLN D 60 12.59 -28.18 7.57
C GLN D 60 12.61 -28.05 9.08
N GLY D 61 12.39 -26.86 9.60
CA GLY D 61 12.44 -26.63 11.03
C GLY D 61 13.80 -26.30 11.58
N ILE D 62 14.82 -26.17 10.72
CA ILE D 62 16.17 -25.84 11.21
C ILE D 62 16.21 -24.37 11.64
N ALA D 63 16.81 -24.13 12.81
CA ALA D 63 16.84 -22.78 13.37
C ALA D 63 17.84 -21.90 12.61
N TYR D 64 17.35 -20.76 12.10
CA TYR D 64 18.21 -19.68 11.61
C TYR D 64 18.49 -18.63 12.66
N ALA D 65 17.65 -18.52 13.69
CA ALA D 65 17.84 -17.58 14.77
C ALA D 65 17.45 -18.29 16.05
N HIS D 66 18.26 -18.10 17.10
CA HIS D 66 18.05 -18.80 18.37
C HIS D 66 18.87 -18.06 19.41
N PRO D 67 18.39 -17.92 20.65
CA PRO D 67 19.22 -17.25 21.66
C PRO D 67 20.51 -17.97 21.94
N LEU D 68 20.55 -19.28 21.75
CA LEU D 68 21.76 -20.08 21.89
C LEU D 68 22.42 -20.18 20.51
N THR D 69 23.54 -19.46 20.33
CA THR D 69 24.12 -19.38 19.00
C THR D 69 24.60 -20.74 18.49
N GLU D 70 24.95 -21.66 19.41
CA GLU D 70 25.37 -23.00 19.01
C GLU D 70 24.25 -23.79 18.36
N ARG D 71 23.01 -23.33 18.48
CA ARG D 71 21.88 -24.02 17.87
C ARG D 71 21.64 -23.60 16.44
N ILE D 72 22.21 -22.49 16.02
CA ILE D 72 21.90 -21.93 14.71
C ILE D 72 22.41 -22.87 13.63
N GLY D 73 21.53 -23.21 12.69
CA GLY D 73 21.88 -24.10 11.62
C GLY D 73 22.11 -25.54 12.02
N LYS D 74 21.99 -25.87 13.31
CA LYS D 74 22.41 -27.14 13.89
C LYS D 74 21.35 -27.78 14.76
N SER D 75 20.14 -27.22 14.82
CA SER D 75 19.08 -27.78 15.65
C SER D 75 17.74 -27.44 15.02
N MET D 76 16.70 -28.01 15.59
CA MET D 76 15.33 -27.86 15.14
C MET D 76 14.53 -27.06 16.16
N ILE D 77 13.56 -26.28 15.66
CA ILE D 77 12.53 -25.76 16.53
C ILE D 77 11.87 -26.92 17.25
N GLY D 78 11.72 -26.79 18.56
CA GLY D 78 11.19 -27.90 19.33
C GLY D 78 9.75 -28.21 18.96
N GLY D 79 9.42 -29.49 19.00
CA GLY D 79 8.04 -29.93 18.89
C GLY D 79 7.61 -30.20 17.46
N ASP D 80 6.41 -30.79 17.35
CA ASP D 80 5.80 -31.03 16.05
C ASP D 80 5.57 -29.71 15.35
N ASN D 81 6.09 -29.60 14.12
CA ASN D 81 5.90 -28.42 13.31
C ASN D 81 4.97 -28.68 12.13
N LYS D 82 4.38 -29.87 12.05
CA LYS D 82 3.62 -30.25 10.86
C LYS D 82 2.39 -29.37 10.67
N GLU D 83 1.72 -29.01 11.76
CA GLU D 83 0.52 -28.18 11.66
C GLU D 83 0.85 -26.77 11.22
N VAL D 84 2.00 -26.23 11.64
CA VAL D 84 2.37 -24.89 11.22
C VAL D 84 2.80 -24.89 9.75
N LEU D 85 3.50 -25.93 9.34
CA LEU D 85 3.85 -26.04 7.92
C LEU D 85 2.62 -26.19 7.04
N LYS D 86 1.47 -26.60 7.61
CA LYS D 86 0.20 -26.58 6.92
C LYS D 86 -0.45 -25.19 6.91
N GLY D 87 0.18 -24.19 7.53
CA GLY D 87 -0.35 -22.84 7.50
C GLY D 87 -1.15 -22.42 8.72
N LYS D 88 -1.18 -23.21 9.77
CA LYS D 88 -1.94 -22.85 10.96
C LYS D 88 -1.04 -22.16 11.98
N SER D 89 -1.65 -21.40 12.88
N SER D 89 -1.66 -21.46 12.92
CA SER D 89 -0.96 -20.80 14.00
CA SER D 89 -0.99 -20.79 14.03
C SER D 89 -1.37 -21.57 15.26
C SER D 89 -1.39 -21.45 15.34
N ILE D 90 -0.41 -21.86 16.14
CA ILE D 90 -0.65 -22.79 17.25
C ILE D 90 -0.17 -22.15 18.54
N ILE D 91 -0.99 -22.22 19.61
CA ILE D 91 -0.55 -21.90 20.96
C ILE D 91 -0.48 -23.21 21.73
N SER D 92 0.64 -23.46 22.39
CA SER D 92 0.75 -24.79 23.00
C SER D 92 1.45 -24.77 24.35
N GLU D 93 1.18 -25.91 25.01
CA GLU D 93 1.66 -26.66 26.19
C GLU D 93 1.57 -25.91 27.52
N ALA D 94 1.23 -26.67 28.56
CA ALA D 94 0.74 -26.15 29.82
C ALA D 94 0.98 -27.15 30.95
N GLY D 99 8.97 -25.50 34.67
CA GLY D 99 7.61 -24.98 34.80
C GLY D 99 6.90 -24.98 33.47
N PRO D 100 5.68 -24.44 33.44
CA PRO D 100 4.98 -24.32 32.15
C PRO D 100 5.71 -23.35 31.23
N ALA D 101 6.14 -23.87 30.09
CA ALA D 101 6.61 -23.03 29.01
C ALA D 101 5.45 -22.89 28.05
N ILE D 102 5.07 -21.66 27.76
CA ILE D 102 3.98 -21.40 26.82
C ILE D 102 4.62 -20.97 25.52
N ARG D 103 4.15 -21.50 24.41
CA ARG D 103 4.77 -21.26 23.12
C ARG D 103 3.70 -20.87 22.10
N GLY D 104 4.02 -19.91 21.24
CA GLY D 104 3.16 -19.68 20.10
C GLY D 104 3.97 -19.87 18.83
N LYS D 105 3.45 -20.59 17.85
CA LYS D 105 4.18 -20.80 16.60
C LYS D 105 3.36 -20.27 15.43
N ALA D 106 4.03 -19.59 14.51
CA ALA D 106 3.30 -19.06 13.36
C ALA D 106 4.07 -19.38 12.09
N PRO D 107 3.39 -19.56 10.97
CA PRO D 107 4.09 -19.74 9.70
C PRO D 107 4.58 -18.41 9.11
N ILE D 108 5.69 -18.49 8.37
CA ILE D 108 6.19 -17.40 7.56
C ILE D 108 5.88 -17.70 6.10
N PHE D 109 5.33 -16.71 5.41
CA PHE D 109 4.90 -16.84 4.02
C PHE D 109 5.75 -15.95 3.13
N ASP D 110 5.98 -16.41 1.90
CA ASP D 110 6.57 -15.55 0.89
C ASP D 110 5.48 -14.70 0.23
N GLU D 111 5.88 -13.84 -0.70
CA GLU D 111 4.95 -12.95 -1.37
C GLU D 111 3.86 -13.70 -2.14
N ASN D 112 4.03 -15.00 -2.38
CA ASN D 112 3.05 -15.80 -3.10
C ASN D 112 2.27 -16.74 -2.20
N GLY D 113 2.34 -16.54 -0.88
CA GLY D 113 1.55 -17.34 0.03
C GLY D 113 2.02 -18.74 0.30
N SER D 114 3.25 -19.10 -0.08
CA SER D 114 3.82 -20.38 0.28
C SER D 114 4.55 -20.26 1.61
N VAL D 115 4.49 -21.32 2.41
CA VAL D 115 5.13 -21.34 3.73
C VAL D 115 6.63 -21.52 3.52
N ILE D 116 7.42 -20.52 3.93
CA ILE D 116 8.87 -20.62 3.82
C ILE D 116 9.55 -20.88 5.16
N GLY D 117 8.85 -20.67 6.28
CA GLY D 117 9.53 -20.80 7.55
C GLY D 117 8.55 -20.81 8.70
N ILE D 118 9.10 -20.73 9.91
N ILE D 118 9.12 -20.73 9.91
CA ILE D 118 8.31 -20.84 11.14
CA ILE D 118 8.39 -20.86 11.17
C ILE D 118 8.94 -19.95 12.20
C ILE D 118 8.97 -19.85 12.15
N VAL D 119 8.11 -19.23 12.95
CA VAL D 119 8.54 -18.43 14.09
C VAL D 119 7.95 -19.09 15.32
N SER D 120 8.79 -19.32 16.33
CA SER D 120 8.35 -19.85 17.62
C SER D 120 8.75 -18.89 18.73
N VAL D 121 7.80 -18.49 19.57
CA VAL D 121 8.03 -17.53 20.62
C VAL D 121 7.57 -18.18 21.91
N GLY D 122 8.45 -18.21 22.91
CA GLY D 122 8.16 -18.85 24.18
C GLY D 122 8.27 -17.91 25.36
N PHE D 123 7.45 -18.17 26.38
CA PHE D 123 7.58 -17.56 27.69
C PHE D 123 7.61 -18.66 28.75
N LEU D 124 8.34 -18.46 29.85
N LEU D 124 8.36 -18.39 29.81
CA LEU D 124 8.41 -19.46 30.91
CA LEU D 124 8.42 -19.22 30.99
C LEU D 124 7.80 -18.92 32.19
C LEU D 124 7.48 -18.67 32.04
N LEU D 125 6.75 -19.57 32.68
CA LEU D 125 5.95 -19.11 33.81
C LEU D 125 6.34 -19.87 35.06
N GLU D 126 7.66 -19.96 35.35
N GLU D 126 7.65 -19.92 35.37
CA GLU D 126 8.09 -20.72 36.51
CA GLU D 126 8.11 -20.74 36.48
C GLU D 126 7.71 -20.02 37.80
C GLU D 126 7.92 -20.05 37.84
N ASP D 127 8.01 -18.73 37.91
CA ASP D 127 7.87 -17.98 39.16
C ASP D 127 6.74 -16.96 38.98
N ILE D 128 5.62 -17.17 39.68
CA ILE D 128 4.55 -16.18 39.61
C ILE D 128 4.67 -15.27 40.83
N GLN D 129 4.59 -15.86 42.03
CA GLN D 129 4.71 -15.05 43.25
C GLN D 129 5.42 -15.83 44.35
N ARG D 130 6.42 -16.62 43.93
CA ARG D 130 7.20 -17.44 44.85
C ARG D 130 7.94 -16.59 45.90
N THR D 131 8.45 -15.43 45.48
CA THR D 131 9.14 -14.55 46.41
C THR D 131 8.34 -13.29 46.72
#